data_5E8H
#
_entry.id   5E8H
#
_cell.length_a   77.245
_cell.length_b   77.090
_cell.length_c   114.172
_cell.angle_alpha   90.00
_cell.angle_beta   90.00
_cell.angle_gamma   90.00
#
_symmetry.space_group_name_H-M   'P 21 21 21'
#
loop_
_entity.id
_entity.type
_entity.pdbx_description
1 polymer 'Geranylgeranyl pyrophosphate synthase 3, chloroplastic'
2 water water
#
_entity_poly.entity_id   1
_entity_poly.type   'polypeptide(L)'
_entity_poly.pdbx_seq_one_letter_code
;MSALTSQGGRDMIPPEGKCNDHNSAFDFKLYMIRKAESVNAALDVSVPLREPLTVQEAVRYSLLAGGKRVRPLLCIAVCE
LVGGDEATAMSAACAVEMIHTSSLIHDDLPCMDNADLRRGKPTNHKVYGEDMAVLAGDALLALAFEHMTVVSSGLVAPER
MIRAVVELARAIGTTGLVAGQMIDLASERLNPDKVGLEHLEFIHLHKTAALLEAAAVLGVIMGGGTEEEIEKLRKYARCI
GLLFQVVDDILDVTKSTEELGKTAGKDVMAGKLTYPRLIGLERSKEVAEKLRREAEEQLLGFDPSKAAPLVALASYIACR
HNLEHHHHHH
;
_entity_poly.pdbx_strand_id   A,B
#
# COMPACT_ATOMS: atom_id res chain seq x y z
N CYS A 19 25.51 -15.23 -25.87
CA CYS A 19 25.81 -15.03 -24.46
C CYS A 19 27.26 -15.37 -24.17
N ASN A 20 28.17 -14.61 -24.79
CA ASN A 20 29.59 -14.94 -24.77
C ASN A 20 30.50 -13.85 -24.22
N ASP A 21 30.09 -12.58 -24.25
CA ASP A 21 31.05 -11.49 -24.00
C ASP A 21 31.40 -11.27 -22.53
N HIS A 22 32.56 -11.76 -22.15
CA HIS A 22 32.88 -11.95 -20.77
C HIS A 22 33.25 -10.64 -20.09
N ASN A 23 33.78 -9.66 -20.85
CA ASN A 23 34.18 -8.41 -20.23
C ASN A 23 32.97 -7.68 -19.61
N SER A 24 31.90 -7.60 -20.39
CA SER A 24 30.66 -6.96 -19.97
C SER A 24 29.98 -7.76 -18.87
N ALA A 25 30.17 -9.07 -18.89
CA ALA A 25 29.63 -9.93 -17.84
C ALA A 25 30.37 -9.71 -16.51
N PHE A 26 31.69 -9.58 -16.59
CA PHE A 26 32.49 -9.29 -15.42
C PHE A 26 32.09 -7.92 -14.84
N ASP A 27 32.04 -6.92 -15.72
CA ASP A 27 31.66 -5.58 -15.31
C ASP A 27 30.29 -5.61 -14.63
N PHE A 28 29.32 -6.26 -15.27
CA PHE A 28 27.97 -6.32 -14.72
C PHE A 28 27.91 -7.08 -13.40
N LYS A 29 28.71 -8.14 -13.25
CA LYS A 29 28.76 -8.87 -11.98
C LYS A 29 29.16 -7.94 -10.84
N LEU A 30 30.16 -7.10 -11.13
CA LEU A 30 30.61 -6.12 -10.14
C LEU A 30 29.56 -5.05 -9.87
N TYR A 31 28.89 -4.62 -10.95
CA TYR A 31 27.80 -3.67 -10.87
C TYR A 31 26.70 -4.16 -9.91
N MET A 32 26.24 -5.39 -10.13
CA MET A 32 25.22 -6.02 -9.29
C MET A 32 25.63 -6.02 -7.83
N ILE A 33 26.85 -6.48 -7.57
CA ILE A 33 27.27 -6.53 -6.16
C ILE A 33 27.25 -5.13 -5.52
N ARG A 34 27.79 -4.14 -6.23
CA ARG A 34 27.81 -2.78 -5.67
C ARG A 34 26.41 -2.20 -5.44
N LYS A 35 25.48 -2.44 -6.38
CA LYS A 35 24.15 -1.86 -6.26
C LYS A 35 23.39 -2.54 -5.14
N ALA A 36 23.54 -3.85 -5.05
CA ALA A 36 22.87 -4.60 -4.02
C ALA A 36 23.36 -4.15 -2.66
N GLU A 37 24.65 -3.85 -2.55
CA GLU A 37 25.19 -3.39 -1.27
C GLU A 37 24.58 -2.04 -0.90
N SER A 38 24.50 -1.14 -1.88
CA SER A 38 23.93 0.19 -1.63
C SER A 38 22.44 0.10 -1.27
N VAL A 39 21.74 -0.80 -1.94
CA VAL A 39 20.33 -1.00 -1.70
C VAL A 39 20.10 -1.57 -0.29
N ASN A 40 20.88 -2.58 0.08
CA ASN A 40 20.78 -3.14 1.42
C ASN A 40 21.03 -2.12 2.52
N ALA A 41 22.05 -1.26 2.36
CA ALA A 41 22.25 -0.19 3.35
C ALA A 41 21.03 0.73 3.42
N ALA A 42 20.53 1.15 2.26
CA ALA A 42 19.41 2.10 2.28
C ALA A 42 18.12 1.47 2.84
N LEU A 43 17.92 0.16 2.62
CA LEU A 43 16.77 -0.55 3.14
C LEU A 43 16.89 -0.66 4.66
N ASP A 44 18.08 -0.98 5.11
CA ASP A 44 18.33 -1.06 6.54
C ASP A 44 17.95 0.26 7.19
N VAL A 45 18.39 1.37 6.59
CA VAL A 45 18.04 2.69 7.12
C VAL A 45 16.54 3.04 6.97
N SER A 46 15.87 2.49 5.96
CA SER A 46 14.48 2.83 5.68
C SER A 46 13.50 2.36 6.76
N VAL A 47 13.82 1.25 7.42
CA VAL A 47 13.03 0.73 8.52
C VAL A 47 13.89 0.64 9.80
N PRO A 48 14.01 1.75 10.54
CA PRO A 48 14.91 1.84 11.70
C PRO A 48 14.50 0.94 12.85
N LEU A 49 15.48 0.33 13.52
CA LEU A 49 15.24 -0.48 14.70
C LEU A 49 14.67 0.24 15.92
N ARG A 50 14.17 1.46 15.74
CA ARG A 50 13.49 2.23 16.79
C ARG A 50 12.43 1.43 17.57
N GLU A 51 12.17 1.82 18.81
CA GLU A 51 11.03 1.26 19.55
C GLU A 51 9.77 1.83 18.91
N PRO A 52 8.69 1.03 18.79
CA PRO A 52 8.33 -0.31 19.27
C PRO A 52 8.87 -1.50 18.46
N LEU A 53 9.89 -2.18 18.98
CA LEU A 53 10.61 -3.25 18.28
C LEU A 53 9.72 -4.36 17.68
N THR A 54 8.62 -4.68 18.36
CA THR A 54 7.68 -5.69 17.88
C THR A 54 7.27 -5.47 16.41
N VAL A 55 6.98 -4.22 16.07
CA VAL A 55 6.65 -3.80 14.71
C VAL A 55 7.84 -3.93 13.72
N GLN A 56 8.87 -3.15 14.04
CA GLN A 56 10.01 -2.97 13.18
C GLN A 56 10.72 -4.28 12.87
N GLU A 57 10.76 -5.20 13.83
CA GLU A 57 11.50 -6.44 13.64
C GLU A 57 10.82 -7.35 12.64
N ALA A 58 9.50 -7.47 12.77
CA ALA A 58 8.74 -8.30 11.85
C ALA A 58 8.78 -7.71 10.43
N VAL A 59 8.74 -6.39 10.33
CA VAL A 59 8.90 -5.77 9.00
C VAL A 59 10.32 -6.03 8.41
N ARG A 60 11.35 -5.84 9.22
CA ARG A 60 12.74 -5.91 8.78
C ARG A 60 13.17 -7.31 8.39
N TYR A 61 12.57 -8.30 9.04
CA TYR A 61 13.03 -9.67 8.88
C TYR A 61 13.06 -10.10 7.41
N SER A 62 11.96 -9.89 6.69
CA SER A 62 11.86 -10.35 5.30
C SER A 62 12.51 -9.37 4.33
N LEU A 63 12.44 -8.09 4.69
CA LEU A 63 12.97 -7.02 3.86
C LEU A 63 14.48 -7.08 3.75
N LEU A 64 15.14 -7.34 4.88
CA LEU A 64 16.60 -7.28 4.93
C LEU A 64 17.27 -8.65 4.76
N ALA A 65 16.46 -9.68 4.57
CA ALA A 65 16.96 -10.99 4.17
C ALA A 65 17.62 -10.88 2.81
N GLY A 66 18.60 -11.73 2.55
CA GLY A 66 19.39 -11.64 1.34
C GLY A 66 18.56 -11.57 0.07
N GLY A 67 18.97 -10.72 -0.85
CA GLY A 67 18.26 -10.61 -2.11
C GLY A 67 19.21 -10.31 -3.25
N LYS A 68 18.81 -10.66 -4.46
CA LYS A 68 19.53 -10.24 -5.64
C LYS A 68 19.22 -8.76 -5.94
N ARG A 69 18.06 -8.29 -5.49
CA ARG A 69 17.68 -6.88 -5.55
C ARG A 69 17.57 -6.39 -6.97
N VAL A 70 17.05 -7.24 -7.85
CA VAL A 70 17.03 -6.94 -9.28
C VAL A 70 16.07 -5.78 -9.58
N ARG A 71 14.99 -5.67 -8.83
CA ARG A 71 14.06 -4.58 -9.08
C ARG A 71 14.62 -3.20 -8.70
N PRO A 72 15.18 -3.05 -7.48
CA PRO A 72 15.77 -1.75 -7.21
C PRO A 72 17.00 -1.48 -8.09
N LEU A 73 17.69 -2.54 -8.47
CA LEU A 73 18.83 -2.41 -9.36
C LEU A 73 18.42 -1.88 -10.71
N LEU A 74 17.30 -2.39 -11.22
CA LEU A 74 16.76 -1.98 -12.51
C LEU A 74 16.36 -0.52 -12.44
N CYS A 75 15.69 -0.16 -11.35
CA CYS A 75 15.29 1.23 -11.11
C CYS A 75 16.50 2.19 -11.14
N ILE A 76 17.53 1.83 -10.37
CA ILE A 76 18.75 2.60 -10.33
C ILE A 76 19.43 2.68 -11.71
N ALA A 77 19.52 1.55 -12.39
CA ALA A 77 20.21 1.48 -13.68
C ALA A 77 19.48 2.35 -14.71
N VAL A 78 18.15 2.33 -14.67
CA VAL A 78 17.40 3.15 -15.60
C VAL A 78 17.56 4.64 -15.29
N CYS A 79 17.52 4.98 -14.01
CA CYS A 79 17.75 6.36 -13.62
C CYS A 79 19.12 6.84 -14.11
N GLU A 80 20.13 6.00 -14.03
CA GLU A 80 21.47 6.34 -14.54
C GLU A 80 21.48 6.44 -16.08
N LEU A 81 20.80 5.51 -16.75
CA LEU A 81 20.68 5.51 -18.21
C LEU A 81 20.26 6.87 -18.78
N VAL A 82 19.22 7.47 -18.18
CA VAL A 82 18.66 8.70 -18.73
C VAL A 82 19.38 9.92 -18.18
N GLY A 83 20.45 9.70 -17.44
CA GLY A 83 21.32 10.79 -17.01
C GLY A 83 21.24 11.15 -15.53
N GLY A 84 20.53 10.32 -14.76
CA GLY A 84 20.35 10.59 -13.35
C GLY A 84 21.39 9.95 -12.46
N ASP A 85 21.19 10.12 -11.15
CA ASP A 85 22.08 9.62 -10.09
C ASP A 85 21.42 8.48 -9.33
N GLU A 86 22.24 7.60 -8.75
CA GLU A 86 21.74 6.54 -7.87
C GLU A 86 20.96 7.11 -6.68
N ALA A 87 21.58 8.11 -6.05
CA ALA A 87 21.00 8.78 -4.89
C ALA A 87 19.54 9.17 -5.12
N THR A 88 19.28 9.77 -6.27
CA THR A 88 17.96 10.30 -6.57
C THR A 88 16.93 9.17 -6.72
N ALA A 89 17.38 8.03 -7.26
CA ALA A 89 16.50 6.88 -7.52
C ALA A 89 16.31 5.97 -6.32
N MET A 90 17.10 6.16 -5.26
CA MET A 90 17.15 5.15 -4.20
C MET A 90 15.85 4.92 -3.42
N SER A 91 15.10 5.96 -3.12
CA SER A 91 13.89 5.73 -2.33
C SER A 91 12.80 5.05 -3.17
N ALA A 92 12.68 5.39 -4.44
CA ALA A 92 11.79 4.63 -5.32
C ALA A 92 12.26 3.17 -5.44
N ALA A 93 13.58 2.96 -5.53
CA ALA A 93 14.14 1.62 -5.67
C ALA A 93 13.82 0.76 -4.45
N CYS A 94 13.99 1.38 -3.29
CA CYS A 94 13.61 0.77 -2.01
C CYS A 94 12.11 0.52 -1.93
N ALA A 95 11.32 1.45 -2.43
CA ALA A 95 9.86 1.26 -2.46
C ALA A 95 9.47 0.02 -3.27
N VAL A 96 10.05 -0.16 -4.45
CA VAL A 96 9.66 -1.35 -5.20
C VAL A 96 10.18 -2.61 -4.51
N GLU A 97 11.33 -2.54 -3.83
CA GLU A 97 11.78 -3.75 -3.16
C GLU A 97 10.87 -4.08 -1.99
N MET A 98 10.32 -3.04 -1.35
CA MET A 98 9.36 -3.20 -0.26
C MET A 98 8.07 -3.86 -0.73
N ILE A 99 7.57 -3.42 -1.88
CA ILE A 99 6.35 -4.03 -2.41
C ILE A 99 6.57 -5.47 -2.80
N HIS A 100 7.69 -5.72 -3.49
CA HIS A 100 8.06 -7.07 -3.86
C HIS A 100 8.16 -7.97 -2.61
N THR A 101 8.77 -7.45 -1.56
CA THR A 101 8.90 -8.19 -0.29
C THR A 101 7.53 -8.50 0.31
N SER A 102 6.65 -7.49 0.36
CA SER A 102 5.27 -7.69 0.81
C SER A 102 4.57 -8.85 0.06
N SER A 103 4.72 -8.87 -1.26
CA SER A 103 4.07 -9.92 -2.05
C SER A 103 4.69 -11.28 -1.72
N LEU A 104 6.00 -11.34 -1.45
CA LEU A 104 6.61 -12.63 -1.09
C LEU A 104 6.13 -13.13 0.27
N ILE A 105 5.96 -12.20 1.21
CA ILE A 105 5.47 -12.56 2.54
C ILE A 105 4.10 -13.18 2.42
N HIS A 106 3.22 -12.54 1.66
CA HIS A 106 1.87 -13.09 1.55
C HIS A 106 1.83 -14.38 0.72
N ASP A 107 2.66 -14.47 -0.32
CA ASP A 107 2.77 -15.69 -1.11
C ASP A 107 3.16 -16.87 -0.23
N ASP A 108 4.10 -16.66 0.68
CA ASP A 108 4.60 -17.77 1.49
C ASP A 108 3.54 -18.30 2.48
N LEU A 109 2.53 -17.50 2.78
CA LEU A 109 1.50 -17.85 3.75
C LEU A 109 0.91 -19.25 3.53
N PRO A 110 0.54 -19.92 4.63
CA PRO A 110 -0.10 -21.25 4.59
C PRO A 110 -1.31 -21.30 3.66
N CYS A 111 -2.10 -20.25 3.60
CA CYS A 111 -3.26 -20.20 2.74
C CYS A 111 -2.94 -20.19 1.27
N MET A 112 -1.74 -19.77 0.92
CA MET A 112 -1.32 -19.73 -0.44
C MET A 112 -0.32 -20.62 -1.14
N ASP A 113 0.95 -20.40 -0.93
CA ASP A 113 2.03 -21.34 -1.19
C ASP A 113 2.43 -22.21 -0.04
N ASN A 114 2.32 -21.71 1.17
CA ASN A 114 2.68 -22.50 2.36
C ASN A 114 4.15 -22.93 2.38
N ALA A 115 5.04 -21.97 2.20
CA ALA A 115 6.48 -22.25 2.26
C ALA A 115 6.96 -22.19 3.69
N ASP A 116 7.83 -23.13 4.05
CA ASP A 116 8.52 -23.06 5.33
C ASP A 116 9.78 -22.25 5.19
N LEU A 117 10.35 -22.29 3.98
CA LEU A 117 11.64 -21.67 3.74
C LEU A 117 11.60 -20.74 2.54
N ARG A 118 12.51 -19.79 2.58
CA ARG A 118 12.69 -18.76 1.59
C ARG A 118 14.19 -18.56 1.62
N ARG A 119 14.85 -18.78 0.48
CA ARG A 119 16.30 -18.59 0.33
C ARG A 119 17.08 -19.31 1.44
N GLY A 120 16.64 -20.51 1.77
CA GLY A 120 17.26 -21.31 2.83
C GLY A 120 16.92 -20.96 4.28
N LYS A 121 16.29 -19.81 4.50
CA LYS A 121 15.93 -19.33 5.84
C LYS A 121 14.40 -19.36 6.09
N PRO A 122 13.96 -19.56 7.36
CA PRO A 122 12.53 -19.68 7.64
C PRO A 122 11.71 -18.50 7.12
N THR A 123 10.54 -18.78 6.55
CA THR A 123 9.67 -17.72 6.04
C THR A 123 9.11 -16.91 7.23
N ASN A 124 8.66 -15.70 6.94
CA ASN A 124 8.21 -14.74 7.96
C ASN A 124 7.20 -15.30 8.97
N HIS A 125 6.14 -15.92 8.47
CA HIS A 125 5.12 -16.44 9.37
C HIS A 125 5.66 -17.55 10.28
N LYS A 126 6.71 -18.23 9.80
CA LYS A 126 7.34 -19.31 10.54
C LYS A 126 8.15 -18.77 11.73
N VAL A 127 8.45 -17.48 11.68
CA VAL A 127 9.21 -16.83 12.75
C VAL A 127 8.29 -16.08 13.69
N TYR A 128 7.40 -15.27 13.13
CA TYR A 128 6.61 -14.36 13.94
C TYR A 128 5.16 -14.79 14.12
N GLY A 129 4.74 -15.80 13.36
CA GLY A 129 3.33 -16.17 13.31
C GLY A 129 2.65 -15.63 12.07
N GLU A 130 1.51 -16.21 11.71
CA GLU A 130 0.76 -15.88 10.49
C GLU A 130 0.13 -14.49 10.55
N ASP A 131 -0.45 -14.17 11.71
CA ASP A 131 -1.04 -12.86 11.95
C ASP A 131 -0.01 -11.75 11.72
N MET A 132 1.12 -11.85 12.42
CA MET A 132 2.21 -10.89 12.25
C MET A 132 2.72 -10.83 10.81
N ALA A 133 2.69 -11.95 10.09
CA ALA A 133 3.19 -11.94 8.72
C ALA A 133 2.25 -11.18 7.80
N VAL A 134 0.94 -11.44 7.92
CA VAL A 134 -0.07 -10.70 7.18
C VAL A 134 0.14 -9.19 7.39
N LEU A 135 0.24 -8.83 8.67
CA LEU A 135 0.36 -7.42 9.05
C LEU A 135 1.66 -6.78 8.52
N ALA A 136 2.73 -7.57 8.52
CA ALA A 136 4.01 -7.11 8.01
C ALA A 136 3.91 -6.79 6.51
N GLY A 137 3.26 -7.67 5.74
CA GLY A 137 2.97 -7.37 4.35
C GLY A 137 2.24 -6.04 4.17
N ASP A 138 1.21 -5.82 5.00
CA ASP A 138 0.47 -4.54 4.94
C ASP A 138 1.35 -3.30 5.23
N ALA A 139 2.18 -3.43 6.25
CA ALA A 139 3.09 -2.37 6.64
C ALA A 139 4.05 -2.05 5.51
N LEU A 140 4.50 -3.07 4.79
CA LEU A 140 5.49 -2.83 3.73
C LEU A 140 4.86 -2.12 2.55
N LEU A 141 3.63 -2.51 2.21
CA LEU A 141 2.87 -1.81 1.18
C LEU A 141 2.77 -0.31 1.49
N ALA A 142 2.38 0.03 2.73
CA ALA A 142 2.26 1.47 3.09
C ALA A 142 3.60 2.23 3.13
N LEU A 143 4.61 1.54 3.66
CA LEU A 143 5.92 2.13 3.78
C LEU A 143 6.53 2.46 2.41
N ALA A 144 6.22 1.67 1.38
CA ALA A 144 6.71 1.99 0.02
C ALA A 144 6.26 3.39 -0.43
N PHE A 145 4.96 3.66 -0.32
CA PHE A 145 4.40 4.93 -0.75
C PHE A 145 4.93 6.05 0.11
N GLU A 146 4.99 5.82 1.42
CA GLU A 146 5.49 6.83 2.35
C GLU A 146 6.94 7.20 2.10
N HIS A 147 7.80 6.17 2.06
CA HIS A 147 9.23 6.34 1.87
C HIS A 147 9.53 7.01 0.55
N MET A 148 8.95 6.46 -0.51
CA MET A 148 9.19 7.02 -1.83
C MET A 148 8.76 8.48 -1.89
N THR A 149 7.58 8.78 -1.38
CA THR A 149 7.07 10.13 -1.57
C THR A 149 7.82 11.15 -0.69
N VAL A 150 8.01 10.79 0.57
CA VAL A 150 8.69 11.66 1.50
C VAL A 150 10.14 11.94 1.10
N VAL A 151 10.85 10.96 0.51
CA VAL A 151 12.19 11.29 0.00
C VAL A 151 12.17 11.95 -1.39
N SER A 152 11.56 11.28 -2.38
CA SER A 152 11.60 11.75 -3.75
C SER A 152 10.93 13.10 -4.01
N SER A 153 9.98 13.51 -3.17
CA SER A 153 9.27 14.75 -3.45
C SER A 153 10.19 15.96 -3.39
N GLY A 154 11.33 15.82 -2.72
CA GLY A 154 12.28 16.90 -2.61
C GLY A 154 13.27 16.97 -3.77
N LEU A 155 13.20 16.00 -4.69
CA LEU A 155 14.23 15.78 -5.72
C LEU A 155 13.68 15.87 -7.15
N VAL A 156 12.37 15.81 -7.32
CA VAL A 156 11.75 15.89 -8.65
C VAL A 156 10.55 16.84 -8.64
N ALA A 157 10.15 17.30 -9.82
CA ALA A 157 8.98 18.15 -9.96
C ALA A 157 7.74 17.44 -9.40
N PRO A 158 6.83 18.19 -8.78
CA PRO A 158 5.69 17.56 -8.10
C PRO A 158 4.81 16.72 -9.04
N GLU A 159 4.72 17.12 -10.31
CA GLU A 159 3.94 16.37 -11.29
C GLU A 159 4.57 14.98 -11.54
N ARG A 160 5.89 14.94 -11.56
CA ARG A 160 6.61 13.67 -11.67
C ARG A 160 6.38 12.80 -10.44
N MET A 161 6.36 13.41 -9.27
CA MET A 161 6.14 12.69 -8.00
C MET A 161 4.76 12.00 -7.99
N ILE A 162 3.75 12.78 -8.38
CA ILE A 162 2.38 12.28 -8.56
C ILE A 162 2.29 11.12 -9.58
N ARG A 163 2.97 11.28 -10.71
CA ARG A 163 3.03 10.22 -11.75
C ARG A 163 3.67 8.93 -11.17
N ALA A 164 4.74 9.09 -10.38
CA ALA A 164 5.39 7.97 -9.72
C ALA A 164 4.47 7.23 -8.75
N VAL A 165 3.71 7.98 -7.97
CA VAL A 165 2.79 7.34 -7.06
C VAL A 165 1.72 6.53 -7.82
N VAL A 166 1.19 7.12 -8.88
CA VAL A 166 0.16 6.45 -9.68
C VAL A 166 0.71 5.15 -10.25
N GLU A 167 1.91 5.22 -10.85
CA GLU A 167 2.53 4.05 -11.47
C GLU A 167 2.78 2.91 -10.47
N LEU A 168 3.32 3.24 -9.31
CA LEU A 168 3.50 2.23 -8.25
C LEU A 168 2.16 1.56 -7.88
N ALA A 169 1.18 2.39 -7.56
CA ALA A 169 -0.14 1.90 -7.15
C ALA A 169 -0.76 0.98 -8.19
N ARG A 170 -0.66 1.37 -9.47
CA ARG A 170 -1.20 0.56 -10.56
C ARG A 170 -0.48 -0.76 -10.75
N ALA A 171 0.83 -0.75 -10.51
CA ALA A 171 1.61 -1.96 -10.63
C ALA A 171 1.20 -2.96 -9.56
N ILE A 172 0.73 -2.46 -8.41
CA ILE A 172 0.35 -3.37 -7.31
C ILE A 172 -1.00 -4.07 -7.48
N GLY A 173 -1.95 -3.34 -8.09
CA GLY A 173 -3.36 -3.69 -7.97
C GLY A 173 -4.01 -4.68 -8.93
N THR A 174 -5.28 -4.40 -9.25
CA THR A 174 -6.13 -5.31 -10.04
C THR A 174 -5.69 -5.35 -11.49
N THR A 175 -4.88 -4.37 -11.86
CA THR A 175 -4.30 -4.29 -13.19
C THR A 175 -2.84 -4.77 -13.13
N GLY A 176 -2.39 -5.16 -11.94
CA GLY A 176 -1.02 -5.62 -11.77
C GLY A 176 -0.82 -6.86 -10.91
N LEU A 177 0.05 -6.73 -9.92
CA LEU A 177 0.55 -7.85 -9.11
C LEU A 177 -0.55 -8.71 -8.43
N VAL A 178 -1.51 -8.07 -7.78
CA VAL A 178 -2.56 -8.81 -7.06
C VAL A 178 -3.43 -9.65 -8.02
N ALA A 179 -3.75 -9.09 -9.19
CA ALA A 179 -4.53 -9.82 -10.19
C ALA A 179 -3.77 -11.08 -10.62
N GLY A 180 -2.46 -10.94 -10.77
CA GLY A 180 -1.61 -12.04 -11.19
C GLY A 180 -1.51 -13.11 -10.12
N GLN A 181 -1.44 -12.70 -8.86
CA GLN A 181 -1.46 -13.65 -7.76
C GLN A 181 -2.78 -14.41 -7.75
N MET A 182 -3.89 -13.69 -7.91
CA MET A 182 -5.21 -14.30 -7.80
C MET A 182 -5.42 -15.32 -8.91
N ILE A 183 -4.99 -14.98 -10.12
CA ILE A 183 -5.21 -15.84 -11.28
C ILE A 183 -4.32 -17.07 -11.15
N ASP A 184 -3.19 -16.89 -10.51
CA ASP A 184 -2.26 -17.99 -10.24
C ASP A 184 -2.77 -18.93 -9.14
N LEU A 185 -4.06 -18.86 -8.84
CA LEU A 185 -4.70 -19.78 -7.90
C LEU A 185 -5.89 -20.46 -8.56
N GLY A 196 -4.90 -21.59 -22.34
CA GLY A 196 -3.69 -22.03 -23.00
C GLY A 196 -2.47 -21.17 -22.69
N LEU A 197 -1.79 -20.67 -23.71
CA LEU A 197 -0.58 -19.86 -23.54
C LEU A 197 -0.88 -18.46 -23.04
N GLU A 198 -2.00 -17.93 -23.51
CA GLU A 198 -2.41 -16.56 -23.23
C GLU A 198 -2.63 -16.36 -21.73
N HIS A 199 -3.03 -17.45 -21.06
CA HIS A 199 -3.22 -17.48 -19.62
C HIS A 199 -1.88 -17.41 -18.86
N LEU A 200 -0.93 -18.20 -19.34
CA LEU A 200 0.40 -18.24 -18.78
C LEU A 200 1.09 -16.89 -18.94
N GLU A 201 0.93 -16.28 -20.12
CA GLU A 201 1.54 -14.99 -20.30
C GLU A 201 0.79 -13.97 -19.44
N PHE A 202 -0.51 -14.14 -19.26
CA PHE A 202 -1.25 -13.24 -18.35
C PHE A 202 -0.64 -13.27 -16.95
N ILE A 203 -0.47 -14.48 -16.41
CA ILE A 203 0.11 -14.64 -15.09
C ILE A 203 1.49 -13.98 -15.06
N HIS A 204 2.32 -14.26 -16.05
CA HIS A 204 3.69 -13.74 -16.01
C HIS A 204 3.73 -12.22 -16.16
N LEU A 205 2.80 -11.69 -16.95
CA LEU A 205 2.71 -10.26 -17.20
C LEU A 205 2.32 -9.54 -15.93
N HIS A 206 1.49 -10.19 -15.11
CA HIS A 206 0.96 -9.51 -13.92
C HIS A 206 1.77 -9.79 -12.63
N LYS A 207 2.21 -11.03 -12.42
CA LYS A 207 2.96 -11.35 -11.20
C LYS A 207 4.38 -10.82 -11.22
N THR A 208 4.99 -10.84 -12.39
CA THR A 208 6.39 -10.48 -12.50
C THR A 208 6.64 -9.15 -13.22
N ALA A 209 6.06 -9.00 -14.41
CA ALA A 209 6.39 -7.86 -15.26
C ALA A 209 5.90 -6.53 -14.70
N ALA A 210 4.71 -6.49 -14.09
CA ALA A 210 4.12 -5.20 -13.70
C ALA A 210 5.02 -4.48 -12.71
N LEU A 211 5.61 -5.21 -11.77
CA LEU A 211 6.42 -4.56 -10.77
C LEU A 211 7.79 -4.15 -11.33
N LEU A 212 8.27 -4.92 -12.31
CA LEU A 212 9.52 -4.57 -13.01
C LEU A 212 9.34 -3.33 -13.89
N GLU A 213 8.18 -3.25 -14.53
CA GLU A 213 7.82 -2.10 -15.33
C GLU A 213 7.76 -0.87 -14.46
N ALA A 214 7.08 -1.00 -13.31
CA ALA A 214 7.05 0.05 -12.32
C ALA A 214 8.47 0.48 -11.97
N ALA A 215 9.35 -0.47 -11.65
CA ALA A 215 10.73 -0.13 -11.29
C ALA A 215 11.43 0.69 -12.37
N ALA A 216 11.24 0.30 -13.64
CA ALA A 216 11.92 0.99 -14.73
C ALA A 216 11.34 2.41 -14.96
N VAL A 217 10.03 2.51 -14.88
CA VAL A 217 9.39 3.78 -15.15
C VAL A 217 9.73 4.76 -14.04
N LEU A 218 9.75 4.28 -12.80
CA LEU A 218 10.20 5.09 -11.67
C LEU A 218 11.65 5.50 -11.88
N GLY A 219 12.45 4.63 -12.48
CA GLY A 219 13.81 5.00 -12.82
C GLY A 219 13.87 6.18 -13.77
N VAL A 220 13.09 6.14 -14.85
CA VAL A 220 13.08 7.26 -15.78
C VAL A 220 12.57 8.54 -15.11
N ILE A 221 11.50 8.41 -14.34
CA ILE A 221 10.90 9.56 -13.69
C ILE A 221 11.89 10.21 -12.74
N MET A 222 12.57 9.39 -11.93
CA MET A 222 13.53 9.95 -10.97
C MET A 222 14.79 10.47 -11.66
N GLY A 223 15.01 10.09 -12.92
CA GLY A 223 16.18 10.56 -13.64
C GLY A 223 15.93 11.77 -14.53
N GLY A 224 14.73 12.34 -14.46
CA GLY A 224 14.39 13.48 -15.28
C GLY A 224 14.19 13.17 -16.76
N GLY A 225 14.01 11.89 -17.10
CA GLY A 225 13.86 11.50 -18.48
C GLY A 225 12.51 11.86 -19.08
N THR A 226 12.38 11.65 -20.38
CA THR A 226 11.18 12.08 -21.14
C THR A 226 10.07 11.04 -21.19
N GLU A 227 8.90 11.44 -21.66
CA GLU A 227 7.78 10.51 -21.84
C GLU A 227 8.15 9.34 -22.78
N GLU A 228 8.92 9.65 -23.82
CA GLU A 228 9.37 8.63 -24.76
C GLU A 228 10.25 7.59 -24.07
N GLU A 229 11.22 8.07 -23.31
CA GLU A 229 12.11 7.19 -22.54
C GLU A 229 11.31 6.31 -21.56
N ILE A 230 10.29 6.89 -20.93
CA ILE A 230 9.39 6.14 -20.04
C ILE A 230 8.76 4.95 -20.75
N GLU A 231 8.22 5.18 -21.94
CA GLU A 231 7.56 4.05 -22.61
C GLU A 231 8.60 3.05 -23.16
N LYS A 232 9.76 3.53 -23.58
CA LYS A 232 10.79 2.62 -24.09
C LYS A 232 11.24 1.66 -23.01
N LEU A 233 11.47 2.20 -21.83
CA LEU A 233 12.01 1.41 -20.74
C LEU A 233 10.93 0.58 -20.05
N ARG A 234 9.68 1.05 -20.08
CA ARG A 234 8.56 0.18 -19.74
C ARG A 234 8.57 -1.07 -20.59
N LYS A 235 8.78 -0.87 -21.90
CA LYS A 235 8.81 -2.03 -22.81
C LYS A 235 10.00 -2.93 -22.47
N TYR A 236 11.18 -2.31 -22.35
CA TYR A 236 12.37 -3.02 -21.89
C TYR A 236 12.07 -3.92 -20.68
N ALA A 237 11.44 -3.35 -19.67
CA ALA A 237 11.22 -4.09 -18.42
C ALA A 237 10.21 -5.20 -18.61
N ARG A 238 9.23 -4.97 -19.47
CA ARG A 238 8.27 -6.03 -19.74
C ARG A 238 8.97 -7.27 -20.35
N CYS A 239 9.76 -7.02 -21.40
CA CYS A 239 10.59 -8.06 -22.01
C CYS A 239 11.47 -8.78 -20.98
N ILE A 240 12.11 -8.02 -20.12
CA ILE A 240 13.00 -8.59 -19.13
C ILE A 240 12.22 -9.52 -18.18
N GLY A 241 11.02 -9.10 -17.77
CA GLY A 241 10.22 -9.92 -16.87
C GLY A 241 9.77 -11.25 -17.48
N LEU A 242 9.25 -11.12 -18.70
CA LEU A 242 8.79 -12.30 -19.42
C LEU A 242 9.99 -13.25 -19.63
N LEU A 243 11.11 -12.68 -20.07
CA LEU A 243 12.34 -13.41 -20.30
C LEU A 243 12.75 -14.18 -19.06
N PHE A 244 12.66 -13.52 -17.90
CA PHE A 244 12.98 -14.20 -16.65
C PHE A 244 12.11 -15.43 -16.43
N GLN A 245 10.80 -15.32 -16.74
CA GLN A 245 9.92 -16.48 -16.49
C GLN A 245 10.11 -17.65 -17.49
N VAL A 246 10.29 -17.32 -18.76
CA VAL A 246 10.67 -18.33 -19.76
C VAL A 246 11.98 -19.05 -19.36
N VAL A 247 12.97 -18.27 -19.00
CA VAL A 247 14.28 -18.84 -18.69
C VAL A 247 14.16 -19.67 -17.41
N ASP A 248 13.29 -19.26 -16.51
CA ASP A 248 13.06 -20.05 -15.31
C ASP A 248 12.51 -21.47 -15.64
N ASP A 249 11.51 -21.54 -16.51
CA ASP A 249 10.99 -22.86 -16.92
C ASP A 249 12.03 -23.70 -17.66
N ILE A 250 12.76 -23.06 -18.57
CA ILE A 250 13.83 -23.75 -19.29
C ILE A 250 14.81 -24.35 -18.29
N LEU A 251 15.29 -23.55 -17.35
CA LEU A 251 16.22 -24.02 -16.34
C LEU A 251 15.67 -25.16 -15.52
N ASP A 252 14.38 -25.13 -15.23
CA ASP A 252 13.79 -26.25 -14.48
C ASP A 252 13.72 -27.58 -15.25
N VAL A 253 13.22 -27.59 -16.49
CA VAL A 253 13.20 -28.88 -17.18
C VAL A 253 14.64 -29.33 -17.47
N THR A 254 15.51 -28.34 -17.61
CA THR A 254 16.93 -28.55 -17.91
C THR A 254 17.67 -29.10 -16.69
N LYS A 255 17.14 -28.88 -15.48
CA LYS A 255 17.89 -29.29 -14.28
C LYS A 255 17.06 -29.87 -13.10
N SER A 256 15.82 -30.31 -13.35
CA SER A 256 15.02 -31.02 -12.33
C SER A 256 14.36 -32.29 -12.89
N THR A 257 14.71 -33.46 -12.35
CA THR A 257 14.31 -34.77 -12.91
C THR A 257 12.79 -34.98 -12.89
N GLU A 258 12.14 -34.26 -11.98
CA GLU A 258 10.69 -34.28 -11.86
C GLU A 258 10.02 -33.57 -13.04
N GLU A 259 10.59 -32.45 -13.47
CA GLU A 259 10.01 -31.62 -14.53
C GLU A 259 10.29 -32.17 -15.93
N LEU A 273 2.18 -25.95 -15.16
CA LEU A 273 1.99 -25.43 -16.50
C LEU A 273 3.19 -24.58 -16.94
N THR A 274 3.91 -25.03 -17.96
CA THR A 274 5.17 -24.38 -18.34
C THR A 274 5.34 -24.20 -19.84
N TYR A 275 6.25 -23.31 -20.23
CA TYR A 275 6.54 -23.06 -21.65
C TYR A 275 7.07 -24.32 -22.37
N PRO A 276 8.03 -25.06 -21.77
CA PRO A 276 8.48 -26.26 -22.48
C PRO A 276 7.40 -27.34 -22.65
N ARG A 277 6.36 -27.33 -21.83
CA ARG A 277 5.29 -28.30 -22.03
C ARG A 277 4.13 -27.73 -22.86
N LEU A 278 4.18 -26.45 -23.20
CA LEU A 278 3.13 -25.85 -24.01
C LEU A 278 3.56 -25.68 -25.46
N ILE A 279 4.86 -25.45 -25.66
CA ILE A 279 5.36 -25.12 -26.99
C ILE A 279 6.74 -25.72 -27.23
N GLY A 280 7.17 -26.58 -26.31
CA GLY A 280 8.42 -27.31 -26.45
C GLY A 280 9.61 -26.58 -25.86
N LEU A 281 10.71 -27.29 -25.66
CA LEU A 281 11.90 -26.72 -25.06
C LEU A 281 12.70 -25.86 -26.05
N GLU A 282 12.83 -26.38 -27.28
CA GLU A 282 13.53 -25.68 -28.36
C GLU A 282 12.89 -24.30 -28.63
N ARG A 283 11.58 -24.29 -28.85
CA ARG A 283 10.88 -23.05 -29.14
C ARG A 283 10.90 -22.16 -27.89
N SER A 284 11.02 -22.76 -26.71
CA SER A 284 11.11 -22.01 -25.47
C SER A 284 12.38 -21.20 -25.45
N LYS A 285 13.48 -21.83 -25.87
CA LYS A 285 14.74 -21.11 -25.99
C LYS A 285 14.67 -20.03 -27.08
N GLU A 286 14.01 -20.34 -28.19
CA GLU A 286 13.78 -19.32 -29.23
C GLU A 286 13.06 -18.09 -28.66
N VAL A 287 12.00 -18.34 -27.89
CA VAL A 287 11.21 -17.27 -27.29
C VAL A 287 12.06 -16.44 -26.35
N ALA A 288 12.83 -17.12 -25.50
CA ALA A 288 13.75 -16.42 -24.63
C ALA A 288 14.63 -15.49 -25.45
N GLU A 289 15.22 -16.01 -26.53
CA GLU A 289 16.15 -15.19 -27.28
C GLU A 289 15.50 -13.99 -28.03
N LYS A 290 14.29 -14.18 -28.48
CA LYS A 290 13.53 -13.12 -29.09
C LYS A 290 13.24 -12.01 -28.06
N LEU A 291 12.86 -12.43 -26.88
CA LEU A 291 12.58 -11.50 -25.79
C LEU A 291 13.84 -10.70 -25.41
N ARG A 292 14.97 -11.37 -25.34
CA ARG A 292 16.17 -10.69 -25.01
C ARG A 292 16.62 -9.68 -26.07
N ARG A 293 16.50 -10.04 -27.33
CA ARG A 293 16.85 -9.09 -28.38
C ARG A 293 15.87 -7.91 -28.44
N GLU A 294 14.59 -8.21 -28.19
CA GLU A 294 13.57 -7.18 -28.11
C GLU A 294 13.89 -6.19 -26.96
N ALA A 295 14.34 -6.71 -25.82
CA ALA A 295 14.72 -5.83 -24.71
C ALA A 295 15.89 -4.95 -25.12
N GLU A 296 16.91 -5.58 -25.69
CA GLU A 296 18.10 -4.87 -26.13
C GLU A 296 17.80 -3.77 -27.14
N GLU A 297 16.86 -3.98 -28.06
CA GLU A 297 16.62 -2.98 -29.10
C GLU A 297 16.05 -1.69 -28.50
N GLN A 298 15.35 -1.80 -27.38
CA GLN A 298 14.81 -0.63 -26.70
C GLN A 298 15.89 0.34 -26.24
N LEU A 299 17.14 -0.14 -26.19
CA LEU A 299 18.26 0.64 -25.67
C LEU A 299 19.09 1.29 -26.78
N LEU A 300 18.67 1.09 -28.02
CA LEU A 300 19.40 1.65 -29.16
C LEU A 300 19.32 3.18 -29.10
N GLY A 301 20.44 3.84 -29.36
CA GLY A 301 20.46 5.29 -29.39
C GLY A 301 20.84 5.91 -28.05
N PHE A 302 20.68 5.16 -26.97
CA PHE A 302 21.23 5.62 -25.71
C PHE A 302 22.76 5.48 -25.76
N ASP A 303 23.40 6.30 -24.94
CA ASP A 303 24.84 6.28 -24.70
C ASP A 303 25.27 4.86 -24.29
N PRO A 304 26.11 4.20 -25.12
CA PRO A 304 26.65 2.84 -24.99
C PRO A 304 27.07 2.57 -23.58
N SER A 305 27.80 3.54 -23.01
CA SER A 305 28.32 3.43 -21.66
C SER A 305 27.21 3.38 -20.61
N LYS A 306 26.24 4.27 -20.77
CA LYS A 306 25.11 4.32 -19.86
C LYS A 306 24.18 3.13 -20.08
N ALA A 307 24.15 2.61 -21.31
CA ALA A 307 23.28 1.50 -21.65
C ALA A 307 23.83 0.17 -21.16
N ALA A 308 25.15 0.10 -20.97
CA ALA A 308 25.85 -1.17 -20.73
C ALA A 308 25.25 -2.08 -19.63
N PRO A 309 24.88 -1.50 -18.47
CA PRO A 309 24.30 -2.37 -17.45
C PRO A 309 22.96 -3.02 -17.84
N LEU A 310 22.17 -2.38 -18.70
CA LEU A 310 20.86 -2.93 -19.07
C LEU A 310 20.99 -3.98 -20.18
N VAL A 311 21.88 -3.69 -21.13
CA VAL A 311 22.33 -4.71 -22.08
C VAL A 311 22.77 -5.96 -21.33
N ALA A 312 23.62 -5.74 -20.32
CA ALA A 312 24.21 -6.85 -19.59
C ALA A 312 23.18 -7.53 -18.71
N LEU A 313 22.16 -6.79 -18.26
CA LEU A 313 21.11 -7.37 -17.41
C LEU A 313 20.31 -8.36 -18.23
N ALA A 314 19.96 -7.96 -19.45
CA ALA A 314 19.25 -8.88 -20.34
C ALA A 314 20.11 -10.13 -20.66
N SER A 315 21.40 -9.93 -20.96
CA SER A 315 22.31 -11.09 -21.14
C SER A 315 22.42 -11.98 -19.91
N TYR A 316 22.58 -11.36 -18.75
CA TYR A 316 22.66 -12.09 -17.48
C TYR A 316 21.42 -12.97 -17.31
N ILE A 317 20.24 -12.42 -17.57
CA ILE A 317 19.02 -13.21 -17.39
C ILE A 317 18.92 -14.31 -18.43
N ALA A 318 19.17 -13.99 -19.69
CA ALA A 318 19.04 -14.98 -20.77
C ALA A 318 20.05 -16.14 -20.70
N CYS A 319 21.08 -16.02 -19.84
CA CYS A 319 22.13 -17.05 -19.78
C CYS A 319 22.57 -17.41 -18.34
N HIS B 22 -31.21 16.83 21.63
CA HIS B 22 -32.62 16.85 21.28
C HIS B 22 -32.83 16.67 19.77
N ASN B 23 -33.31 17.73 19.11
CA ASN B 23 -33.56 17.73 17.66
C ASN B 23 -32.28 17.72 16.84
N SER B 24 -31.23 18.29 17.43
CA SER B 24 -29.96 18.49 16.75
C SER B 24 -29.29 17.16 16.43
N ALA B 25 -29.44 16.21 17.34
CA ALA B 25 -28.95 14.85 17.14
C ALA B 25 -29.69 14.15 16.00
N PHE B 26 -30.98 14.48 15.83
CA PHE B 26 -31.77 13.88 14.77
C PHE B 26 -31.34 14.44 13.41
N ASP B 27 -31.10 15.74 13.37
CA ASP B 27 -30.49 16.35 12.19
C ASP B 27 -29.19 15.66 11.85
N PHE B 28 -28.38 15.37 12.86
CA PHE B 28 -27.12 14.73 12.55
C PHE B 28 -27.31 13.33 12.00
N LYS B 29 -28.26 12.59 12.56
CA LYS B 29 -28.62 11.28 12.05
C LYS B 29 -28.94 11.31 10.55
N LEU B 30 -29.79 12.26 10.17
CA LEU B 30 -30.13 12.41 8.75
C LEU B 30 -28.92 12.77 7.91
N TYR B 31 -28.11 13.68 8.45
CA TYR B 31 -26.85 14.04 7.81
C TYR B 31 -26.00 12.80 7.47
N MET B 32 -25.81 11.94 8.47
CA MET B 32 -24.99 10.75 8.31
C MET B 32 -25.57 9.82 7.26
N ILE B 33 -26.89 9.67 7.28
CA ILE B 33 -27.53 8.80 6.29
C ILE B 33 -27.31 9.34 4.86
N ARG B 34 -27.48 10.65 4.67
CA ARG B 34 -27.26 11.29 3.35
C ARG B 34 -25.82 11.08 2.84
N LYS B 35 -24.86 11.38 3.71
CA LYS B 35 -23.46 11.34 3.32
C LYS B 35 -23.06 9.90 3.02
N ALA B 36 -23.53 8.98 3.87
CA ALA B 36 -23.26 7.57 3.66
C ALA B 36 -23.78 7.10 2.30
N GLU B 37 -24.97 7.56 1.89
CA GLU B 37 -25.50 7.04 0.63
C GLU B 37 -24.73 7.60 -0.57
N SER B 38 -24.27 8.85 -0.51
CA SER B 38 -23.43 9.32 -1.63
C SER B 38 -22.01 8.66 -1.65
N VAL B 39 -21.51 8.30 -0.46
CA VAL B 39 -20.23 7.56 -0.37
C VAL B 39 -20.39 6.16 -0.96
N ASN B 40 -21.53 5.52 -0.71
CA ASN B 40 -21.77 4.17 -1.20
C ASN B 40 -21.85 4.17 -2.70
N ALA B 41 -22.54 5.17 -3.23
CA ALA B 41 -22.54 5.37 -4.67
C ALA B 41 -21.10 5.49 -5.20
N ALA B 42 -20.31 6.38 -4.60
CA ALA B 42 -18.95 6.60 -5.13
C ALA B 42 -18.09 5.33 -5.04
N LEU B 43 -18.25 4.58 -3.94
CA LEU B 43 -17.51 3.34 -3.71
C LEU B 43 -17.87 2.29 -4.76
N ASP B 44 -19.16 2.21 -5.10
CA ASP B 44 -19.61 1.31 -6.16
C ASP B 44 -18.86 1.63 -7.45
N VAL B 45 -18.90 2.89 -7.85
CA VAL B 45 -18.17 3.34 -9.05
C VAL B 45 -16.64 3.07 -8.99
N SER B 46 -16.03 3.13 -7.81
CA SER B 46 -14.57 3.03 -7.71
C SER B 46 -13.98 1.63 -7.96
N VAL B 47 -14.76 0.58 -7.76
CA VAL B 47 -14.31 -0.77 -8.10
C VAL B 47 -15.24 -1.34 -9.15
N PRO B 48 -15.02 -0.99 -10.43
CA PRO B 48 -15.94 -1.39 -11.49
C PRO B 48 -16.09 -2.90 -11.53
N LEU B 49 -17.31 -3.40 -11.31
CA LEU B 49 -17.56 -4.84 -11.26
C LEU B 49 -17.08 -5.51 -12.54
N ARG B 50 -17.27 -4.84 -13.66
CA ARG B 50 -16.80 -5.35 -14.95
C ARG B 50 -15.31 -5.70 -14.87
N GLU B 51 -14.98 -6.99 -15.10
CA GLU B 51 -13.67 -7.57 -14.72
C GLU B 51 -12.80 -7.50 -16.02
N PRO B 52 -11.64 -8.19 -16.13
CA PRO B 52 -10.66 -9.18 -15.61
C PRO B 52 -9.89 -8.68 -14.41
N VAL B 55 -11.42 -11.33 -8.73
CA VAL B 55 -10.67 -10.22 -8.12
C VAL B 55 -11.58 -9.07 -7.60
N GLN B 56 -12.20 -8.34 -8.53
CA GLN B 56 -13.08 -7.23 -8.19
C GLN B 56 -14.20 -7.66 -7.25
N GLU B 57 -14.72 -8.87 -7.48
CA GLU B 57 -15.83 -9.40 -6.68
C GLU B 57 -15.52 -9.53 -5.18
N ALA B 58 -14.35 -10.09 -4.87
CA ALA B 58 -13.94 -10.24 -3.49
C ALA B 58 -13.80 -8.87 -2.82
N VAL B 59 -13.32 -7.90 -3.59
CA VAL B 59 -13.13 -6.54 -3.10
C VAL B 59 -14.46 -5.84 -2.82
N ARG B 60 -15.38 -5.95 -3.77
CA ARG B 60 -16.66 -5.27 -3.66
C ARG B 60 -17.48 -5.89 -2.55
N TYR B 61 -17.31 -7.19 -2.36
CA TYR B 61 -18.13 -7.89 -1.39
C TYR B 61 -18.00 -7.25 -0.01
N SER B 62 -16.78 -6.90 0.38
CA SER B 62 -16.55 -6.28 1.68
C SER B 62 -16.69 -4.76 1.62
N LEU B 63 -16.27 -4.17 0.50
CA LEU B 63 -16.26 -2.70 0.43
C LEU B 63 -17.69 -2.14 0.37
N LEU B 64 -18.58 -2.85 -0.30
CA LEU B 64 -19.93 -2.35 -0.47
C LEU B 64 -20.94 -3.02 0.47
N ALA B 65 -20.45 -3.66 1.52
CA ALA B 65 -21.31 -4.43 2.42
C ALA B 65 -22.19 -3.54 3.28
N GLY B 66 -21.82 -2.27 3.38
CA GLY B 66 -22.55 -1.35 4.23
C GLY B 66 -21.90 -1.19 5.59
N GLY B 67 -21.70 0.06 5.96
CA GLY B 67 -21.23 0.43 7.29
C GLY B 67 -21.81 1.78 7.66
N LYS B 68 -21.32 2.38 8.74
CA LYS B 68 -21.74 3.72 9.09
C LYS B 68 -20.96 4.73 8.24
N ARG B 69 -19.84 4.27 7.69
CA ARG B 69 -19.00 5.07 6.81
C ARG B 69 -18.52 6.29 7.55
N VAL B 70 -18.23 6.12 8.83
CA VAL B 70 -17.92 7.28 9.64
C VAL B 70 -16.62 7.98 9.17
N ARG B 71 -15.65 7.24 8.65
CA ARG B 71 -14.39 7.89 8.26
C ARG B 71 -14.53 8.68 6.94
N PRO B 72 -15.17 8.10 5.91
CA PRO B 72 -15.41 8.98 4.74
C PRO B 72 -16.32 10.17 5.10
N LEU B 73 -17.27 9.99 6.00
CA LEU B 73 -18.12 11.13 6.40
C LEU B 73 -17.27 12.21 7.04
N LEU B 74 -16.41 11.82 7.97
CA LEU B 74 -15.50 12.78 8.60
C LEU B 74 -14.70 13.54 7.54
N CYS B 75 -14.21 12.82 6.54
CA CYS B 75 -13.42 13.45 5.48
C CYS B 75 -14.24 14.53 4.74
N ILE B 76 -15.46 14.18 4.40
CA ILE B 76 -16.33 15.08 3.68
C ILE B 76 -16.75 16.30 4.51
N ALA B 77 -17.17 16.02 5.74
CA ALA B 77 -17.64 17.04 6.68
C ALA B 77 -16.52 18.04 6.94
N VAL B 78 -15.30 17.53 7.07
CA VAL B 78 -14.18 18.41 7.30
C VAL B 78 -13.84 19.24 6.05
N CYS B 79 -13.94 18.62 4.88
CA CYS B 79 -13.73 19.37 3.65
C CYS B 79 -14.72 20.55 3.57
N GLU B 80 -15.99 20.26 3.81
CA GLU B 80 -17.04 21.28 3.85
C GLU B 80 -16.77 22.34 4.91
N LEU B 81 -16.27 21.90 6.05
CA LEU B 81 -15.95 22.79 7.18
C LEU B 81 -15.06 23.94 6.74
N VAL B 82 -13.97 23.61 6.05
CA VAL B 82 -13.00 24.62 5.65
C VAL B 82 -13.39 25.29 4.35
N GLY B 83 -14.57 24.97 3.85
CA GLY B 83 -15.10 25.68 2.69
C GLY B 83 -14.90 24.95 1.38
N GLY B 84 -14.58 23.66 1.44
CA GLY B 84 -14.49 22.84 0.25
C GLY B 84 -15.81 22.21 -0.18
N ASP B 85 -15.71 21.29 -1.14
CA ASP B 85 -16.85 20.54 -1.69
C ASP B 85 -16.85 19.08 -1.26
N GLU B 86 -18.01 18.45 -1.26
CA GLU B 86 -18.07 16.99 -1.12
C GLU B 86 -17.38 16.31 -2.32
N ALA B 87 -17.74 16.76 -3.52
CA ALA B 87 -17.21 16.19 -4.76
C ALA B 87 -15.70 16.16 -4.77
N THR B 88 -15.07 17.19 -4.24
CA THR B 88 -13.62 17.30 -4.29
C THR B 88 -12.93 16.36 -3.30
N ALA B 89 -13.63 16.05 -2.21
CA ALA B 89 -13.05 15.20 -1.18
C ALA B 89 -13.41 13.73 -1.36
N MET B 90 -14.28 13.45 -2.32
CA MET B 90 -14.87 12.11 -2.39
C MET B 90 -13.86 10.99 -2.64
N SER B 91 -12.79 11.25 -3.41
CA SER B 91 -11.88 10.17 -3.72
C SER B 91 -11.00 9.85 -2.49
N ALA B 92 -10.58 10.88 -1.75
CA ALA B 92 -9.88 10.68 -0.49
C ALA B 92 -10.76 9.98 0.55
N ALA B 93 -12.04 10.36 0.59
CA ALA B 93 -12.99 9.73 1.50
C ALA B 93 -13.15 8.23 1.21
N CYS B 94 -13.27 7.93 -0.07
CA CYS B 94 -13.35 6.55 -0.51
C CYS B 94 -12.05 5.79 -0.17
N ALA B 95 -10.92 6.44 -0.32
CA ALA B 95 -9.63 5.81 -0.02
C ALA B 95 -9.53 5.45 1.47
N VAL B 96 -9.99 6.34 2.35
CA VAL B 96 -9.90 5.95 3.75
C VAL B 96 -10.90 4.85 4.08
N GLU B 97 -12.01 4.79 3.35
CA GLU B 97 -12.93 3.68 3.59
C GLU B 97 -12.35 2.35 3.05
N MET B 98 -11.65 2.40 1.94
CA MET B 98 -10.94 1.23 1.40
C MET B 98 -9.92 0.71 2.38
N ILE B 99 -9.20 1.62 3.04
CA ILE B 99 -8.22 1.18 4.02
C ILE B 99 -8.94 0.58 5.23
N HIS B 100 -9.98 1.25 5.71
CA HIS B 100 -10.75 0.68 6.82
C HIS B 100 -11.25 -0.75 6.49
N THR B 101 -11.77 -0.89 5.28
CA THR B 101 -12.33 -2.15 4.79
C THR B 101 -11.26 -3.24 4.69
N SER B 102 -10.06 -2.83 4.27
CA SER B 102 -8.90 -3.72 4.21
C SER B 102 -8.57 -4.28 5.61
N SER B 103 -8.55 -3.39 6.61
CA SER B 103 -8.21 -3.83 7.96
C SER B 103 -9.29 -4.73 8.54
N LEU B 104 -10.55 -4.50 8.17
CA LEU B 104 -11.61 -5.40 8.62
C LEU B 104 -11.46 -6.81 8.02
N ILE B 105 -11.25 -6.88 6.70
CA ILE B 105 -11.01 -8.16 6.06
C ILE B 105 -9.87 -8.90 6.74
N HIS B 106 -8.76 -8.20 7.00
CA HIS B 106 -7.61 -8.92 7.56
C HIS B 106 -7.85 -9.30 9.01
N ASP B 107 -8.56 -8.43 9.74
CA ASP B 107 -8.95 -8.73 11.11
C ASP B 107 -9.85 -9.96 11.23
N ASP B 108 -10.73 -10.19 10.25
CA ASP B 108 -11.64 -11.34 10.31
C ASP B 108 -10.95 -12.69 10.14
N LEU B 109 -9.77 -12.69 9.51
CA LEU B 109 -9.06 -13.91 9.18
C LEU B 109 -8.89 -14.85 10.37
N PRO B 110 -8.88 -16.15 10.09
CA PRO B 110 -8.61 -17.22 11.06
C PRO B 110 -7.38 -16.96 11.96
N CYS B 111 -6.29 -16.51 11.35
CA CYS B 111 -5.04 -16.29 12.08
C CYS B 111 -5.14 -15.08 13.04
N MET B 112 -6.22 -14.31 12.93
CA MET B 112 -6.39 -13.17 13.83
C MET B 112 -7.63 -13.01 14.73
N ASP B 113 -8.80 -12.70 14.19
CA ASP B 113 -10.00 -12.72 15.02
C ASP B 113 -10.90 -13.91 14.69
N ASN B 114 -10.69 -14.51 13.53
CA ASN B 114 -11.38 -15.75 13.21
C ASN B 114 -12.91 -15.65 13.27
N ALA B 115 -13.44 -14.53 12.79
CA ALA B 115 -14.87 -14.31 12.74
C ALA B 115 -15.49 -14.96 11.50
N ASP B 116 -16.54 -15.76 11.70
CA ASP B 116 -17.27 -16.32 10.56
C ASP B 116 -18.30 -15.32 10.03
N LEU B 117 -18.71 -14.38 10.88
CA LEU B 117 -19.77 -13.48 10.47
C LEU B 117 -19.38 -12.03 10.72
N ARG B 118 -19.92 -11.16 9.88
CA ARG B 118 -19.80 -9.73 10.04
C ARG B 118 -21.12 -9.06 9.63
N ARG B 119 -21.77 -8.40 10.58
CA ARG B 119 -23.12 -7.83 10.46
C ARG B 119 -24.13 -8.86 9.94
N GLY B 120 -24.08 -10.06 10.50
CA GLY B 120 -25.03 -11.12 10.16
C GLY B 120 -24.70 -11.84 8.87
N LYS B 121 -23.60 -11.45 8.25
CA LYS B 121 -23.26 -11.84 6.88
C LYS B 121 -21.93 -12.57 6.92
N PRO B 122 -21.75 -13.59 6.06
CA PRO B 122 -20.44 -14.26 6.18
C PRO B 122 -19.28 -13.32 5.81
N THR B 123 -18.19 -13.45 6.55
CA THR B 123 -17.00 -12.67 6.30
C THR B 123 -16.33 -13.11 4.99
N ASN B 124 -15.42 -12.28 4.50
CA ASN B 124 -14.83 -12.42 3.17
C ASN B 124 -14.18 -13.78 2.92
N HIS B 125 -13.31 -14.19 3.83
CA HIS B 125 -12.62 -15.46 3.68
C HIS B 125 -13.60 -16.64 3.70
N LYS B 126 -14.75 -16.47 4.36
CA LYS B 126 -15.74 -17.54 4.38
C LYS B 126 -16.43 -17.68 3.03
N VAL B 127 -16.57 -16.59 2.28
CA VAL B 127 -17.11 -16.69 0.93
C VAL B 127 -16.06 -17.12 -0.10
N TYR B 128 -14.90 -16.45 -0.10
CA TYR B 128 -13.93 -16.60 -1.19
C TYR B 128 -12.66 -17.40 -0.87
N GLY B 129 -12.47 -17.78 0.40
CA GLY B 129 -11.25 -18.46 0.79
C GLY B 129 -10.24 -17.48 1.41
N GLU B 130 -9.37 -17.98 2.27
CA GLU B 130 -8.45 -17.11 2.98
C GLU B 130 -7.44 -16.41 2.05
N ASP B 131 -7.08 -17.08 0.96
CA ASP B 131 -6.09 -16.52 0.04
C ASP B 131 -6.69 -15.31 -0.67
N MET B 132 -7.91 -15.49 -1.16
CA MET B 132 -8.59 -14.41 -1.84
C MET B 132 -8.84 -13.26 -0.89
N ALA B 133 -9.11 -13.56 0.38
CA ALA B 133 -9.34 -12.51 1.35
C ALA B 133 -8.06 -11.69 1.55
N VAL B 134 -6.94 -12.37 1.75
CA VAL B 134 -5.65 -11.70 1.92
C VAL B 134 -5.37 -10.78 0.74
N LEU B 135 -5.53 -11.35 -0.46
CA LEU B 135 -5.29 -10.61 -1.69
C LEU B 135 -6.23 -9.39 -1.83
N ALA B 136 -7.49 -9.57 -1.45
CA ALA B 136 -8.50 -8.52 -1.51
C ALA B 136 -8.11 -7.36 -0.61
N GLY B 137 -7.56 -7.69 0.56
CA GLY B 137 -7.03 -6.68 1.45
C GLY B 137 -5.91 -5.88 0.83
N ASP B 138 -4.98 -6.60 0.18
CA ASP B 138 -3.84 -5.94 -0.49
C ASP B 138 -4.27 -5.02 -1.66
N ALA B 139 -5.22 -5.52 -2.45
CA ALA B 139 -5.80 -4.73 -3.53
C ALA B 139 -6.46 -3.45 -3.02
N LEU B 140 -7.17 -3.52 -1.91
CA LEU B 140 -7.82 -2.32 -1.39
C LEU B 140 -6.78 -1.30 -0.93
N LEU B 141 -5.70 -1.78 -0.32
CA LEU B 141 -4.61 -0.89 0.04
C LEU B 141 -4.00 -0.14 -1.17
N ALA B 142 -3.74 -0.85 -2.26
CA ALA B 142 -3.22 -0.18 -3.46
C ALA B 142 -4.23 0.76 -4.13
N LEU B 143 -5.47 0.30 -4.20
CA LEU B 143 -6.53 1.06 -4.85
C LEU B 143 -6.79 2.37 -4.14
N ALA B 144 -6.64 2.39 -2.81
CA ALA B 144 -6.84 3.65 -2.10
C ALA B 144 -5.88 4.74 -2.63
N PHE B 145 -4.60 4.40 -2.79
CA PHE B 145 -3.63 5.35 -3.32
C PHE B 145 -3.86 5.68 -4.81
N GLU B 146 -4.11 4.66 -5.62
CA GLU B 146 -4.38 4.90 -7.03
C GLU B 146 -5.63 5.76 -7.24
N HIS B 147 -6.70 5.44 -6.54
CA HIS B 147 -7.97 6.14 -6.73
C HIS B 147 -7.88 7.56 -6.21
N MET B 148 -7.36 7.71 -5.00
CA MET B 148 -7.25 9.07 -4.44
C MET B 148 -6.35 9.94 -5.30
N THR B 149 -5.23 9.38 -5.73
CA THR B 149 -4.27 10.19 -6.44
C THR B 149 -4.73 10.48 -7.86
N VAL B 150 -5.29 9.50 -8.53
CA VAL B 150 -5.71 9.72 -9.91
C VAL B 150 -6.83 10.75 -9.94
N VAL B 151 -7.80 10.63 -9.03
CA VAL B 151 -8.93 11.56 -9.09
C VAL B 151 -8.60 12.94 -8.54
N SER B 152 -7.87 13.00 -7.43
CA SER B 152 -7.68 14.29 -6.77
C SER B 152 -6.66 15.20 -7.45
N SER B 153 -5.80 14.64 -8.31
CA SER B 153 -4.61 15.37 -8.75
C SER B 153 -4.60 16.48 -9.86
N GLY B 154 -5.58 16.65 -10.75
CA GLY B 154 -6.98 16.38 -10.60
C GLY B 154 -7.54 17.75 -10.24
N LEU B 155 -7.81 17.91 -8.95
CA LEU B 155 -8.64 18.99 -8.44
C LEU B 155 -7.87 19.93 -7.55
N VAL B 156 -6.64 19.52 -7.19
CA VAL B 156 -5.90 20.22 -6.16
C VAL B 156 -4.49 20.50 -6.68
N ALA B 157 -3.82 21.52 -6.12
CA ALA B 157 -2.39 21.77 -6.38
C ALA B 157 -1.54 20.53 -6.06
N PRO B 158 -0.50 20.28 -6.88
CA PRO B 158 0.30 19.04 -6.78
C PRO B 158 1.00 18.86 -5.42
N GLU B 159 1.36 19.95 -4.75
CA GLU B 159 1.99 19.85 -3.42
C GLU B 159 1.00 19.30 -2.40
N ARG B 160 -0.25 19.71 -2.54
CA ARG B 160 -1.27 19.18 -1.65
C ARG B 160 -1.49 17.69 -1.90
N MET B 161 -1.43 17.29 -3.15
CA MET B 161 -1.66 15.90 -3.55
C MET B 161 -0.59 15.03 -2.91
N ILE B 162 0.63 15.55 -2.97
CA ILE B 162 1.79 14.90 -2.40
C ILE B 162 1.64 14.75 -0.91
N ARG B 163 1.26 15.86 -0.27
CA ARG B 163 1.02 15.75 1.14
C ARG B 163 -0.11 14.77 1.54
N ALA B 164 -1.15 14.70 0.72
CA ALA B 164 -2.25 13.76 0.92
C ALA B 164 -1.76 12.30 0.85
N VAL B 165 -0.89 12.03 -0.11
CA VAL B 165 -0.28 10.70 -0.19
C VAL B 165 0.55 10.40 1.05
N VAL B 166 1.38 11.35 1.49
CA VAL B 166 2.15 11.12 2.70
C VAL B 166 1.25 10.88 3.94
N GLU B 167 0.18 11.66 4.09
CA GLU B 167 -0.71 11.46 5.26
C GLU B 167 -1.41 10.10 5.22
N LEU B 168 -1.96 9.73 4.07
CA LEU B 168 -2.61 8.43 3.96
C LEU B 168 -1.62 7.31 4.29
N ALA B 169 -0.44 7.39 3.69
CA ALA B 169 0.60 6.36 3.92
C ALA B 169 0.99 6.25 5.40
N ARG B 170 1.10 7.39 6.07
CA ARG B 170 1.48 7.43 7.48
C ARG B 170 0.39 6.89 8.39
N ALA B 171 -0.87 7.01 7.98
CA ALA B 171 -1.97 6.48 8.80
C ALA B 171 -2.07 4.95 8.81
N ILE B 172 -1.52 4.30 7.78
CA ILE B 172 -1.70 2.86 7.57
C ILE B 172 -0.67 1.96 8.30
N GLY B 173 0.60 2.38 8.30
CA GLY B 173 1.69 1.46 8.63
C GLY B 173 2.26 1.44 10.03
N THR B 174 3.59 1.38 10.09
CA THR B 174 4.35 1.20 11.32
C THR B 174 4.18 2.32 12.35
N THR B 175 3.65 3.45 11.91
CA THR B 175 3.28 4.53 12.84
C THR B 175 1.78 4.77 12.76
N GLY B 176 1.07 3.80 12.22
CA GLY B 176 -0.36 3.94 12.03
C GLY B 176 -1.12 2.70 12.44
N LEU B 177 -2.12 2.35 11.64
CA LEU B 177 -3.08 1.29 11.94
C LEU B 177 -2.46 -0.08 12.17
N VAL B 178 -1.51 -0.46 11.32
CA VAL B 178 -0.88 -1.78 11.44
C VAL B 178 -0.07 -1.90 12.74
N ALA B 179 0.60 -0.82 13.14
CA ALA B 179 1.29 -0.81 14.42
C ALA B 179 0.31 -1.14 15.54
N GLY B 180 -0.85 -0.47 15.48
CA GLY B 180 -1.91 -0.72 16.44
C GLY B 180 -2.36 -2.16 16.48
N GLN B 181 -2.57 -2.76 15.30
CA GLN B 181 -3.00 -4.16 15.21
C GLN B 181 -1.96 -5.13 15.81
N MET B 182 -0.70 -4.94 15.44
CA MET B 182 0.41 -5.75 15.95
C MET B 182 0.53 -5.67 17.47
N ILE B 183 0.47 -4.47 18.02
CA ILE B 183 0.65 -4.32 19.45
C ILE B 183 -0.60 -4.83 20.17
N ASP B 184 -1.73 -4.80 19.48
CA ASP B 184 -2.97 -5.32 20.07
C ASP B 184 -2.95 -6.83 20.18
N LEU B 185 -2.32 -7.52 19.22
CA LEU B 185 -2.15 -8.97 19.33
C LEU B 185 -1.58 -9.47 20.68
N ALA B 186 -0.70 -8.68 21.31
CA ALA B 186 -0.15 -9.01 22.63
C ALA B 186 -1.22 -9.03 23.74
N VAL B 195 2.05 -1.98 32.96
CA VAL B 195 0.81 -2.74 33.11
C VAL B 195 -0.29 -2.21 32.16
N GLY B 196 -0.49 -0.90 32.12
CA GLY B 196 -1.70 -0.38 31.49
C GLY B 196 -1.70 0.79 30.53
N LEU B 197 -1.82 2.00 31.08
CA LEU B 197 -2.30 3.16 30.33
C LEU B 197 -1.47 3.56 29.11
N GLU B 198 -0.15 3.44 29.21
CA GLU B 198 0.73 3.75 28.10
C GLU B 198 0.38 2.83 26.92
N HIS B 199 0.29 1.54 27.22
CA HIS B 199 -0.01 0.49 26.26
C HIS B 199 -1.39 0.70 25.59
N LEU B 200 -2.41 0.86 26.43
CA LEU B 200 -3.77 1.04 25.95
C LEU B 200 -3.90 2.28 25.09
N GLU B 201 -3.26 3.37 25.51
CA GLU B 201 -3.34 4.62 24.75
C GLU B 201 -2.64 4.44 23.40
N PHE B 202 -1.52 3.71 23.39
CA PHE B 202 -0.85 3.39 22.14
C PHE B 202 -1.76 2.62 21.17
N ILE B 203 -2.40 1.57 21.67
CA ILE B 203 -3.26 0.77 20.83
C ILE B 203 -4.41 1.60 20.28
N HIS B 204 -5.08 2.35 21.13
CA HIS B 204 -6.23 3.11 20.66
C HIS B 204 -5.81 4.22 19.68
N LEU B 205 -4.69 4.88 19.97
CA LEU B 205 -4.20 5.95 19.11
C LEU B 205 -3.78 5.41 17.74
N HIS B 206 -3.33 4.17 17.67
CA HIS B 206 -2.84 3.70 16.39
C HIS B 206 -3.92 2.91 15.63
N LYS B 207 -4.74 2.17 16.35
CA LYS B 207 -5.72 1.29 15.72
C LYS B 207 -7.02 2.01 15.39
N THR B 208 -7.33 3.06 16.13
CA THR B 208 -8.53 3.84 15.88
C THR B 208 -8.22 5.22 15.36
N ALA B 209 -7.38 5.95 16.09
CA ALA B 209 -7.24 7.38 15.87
C ALA B 209 -6.50 7.70 14.59
N ALA B 210 -5.44 6.96 14.29
CA ALA B 210 -4.56 7.26 13.17
C ALA B 210 -5.29 7.43 11.83
N LEU B 211 -6.21 6.51 11.53
CA LEU B 211 -7.00 6.55 10.30
C LEU B 211 -8.09 7.64 10.32
N LEU B 212 -8.69 7.90 11.48
CA LEU B 212 -9.65 9.02 11.61
C LEU B 212 -8.93 10.35 11.35
N GLU B 213 -7.72 10.44 11.88
CA GLU B 213 -6.87 11.61 11.73
C GLU B 213 -6.57 11.80 10.26
N ALA B 214 -6.25 10.70 9.56
CA ALA B 214 -6.08 10.76 8.10
C ALA B 214 -7.34 11.28 7.41
N ALA B 215 -8.49 10.73 7.75
CA ALA B 215 -9.74 11.20 7.16
C ALA B 215 -9.89 12.72 7.31
N ALA B 216 -9.66 13.22 8.53
CA ALA B 216 -9.87 14.65 8.80
C ALA B 216 -8.85 15.52 8.07
N VAL B 217 -7.58 15.12 8.14
CA VAL B 217 -6.51 15.91 7.54
C VAL B 217 -6.68 15.93 6.01
N LEU B 218 -7.07 14.79 5.46
CA LEU B 218 -7.34 14.69 4.01
C LEU B 218 -8.48 15.62 3.66
N GLY B 219 -9.53 15.63 4.49
CA GLY B 219 -10.57 16.64 4.37
C GLY B 219 -10.09 18.09 4.30
N VAL B 220 -9.23 18.50 5.23
CA VAL B 220 -8.66 19.85 5.18
C VAL B 220 -7.80 20.10 3.91
N ILE B 221 -7.02 19.10 3.51
CA ILE B 221 -6.17 19.24 2.33
C ILE B 221 -7.00 19.40 1.05
N MET B 222 -7.97 18.50 0.83
CA MET B 222 -8.79 18.56 -0.37
C MET B 222 -9.70 19.79 -0.37
N GLY B 223 -9.89 20.38 0.81
CA GLY B 223 -10.77 21.53 0.96
C GLY B 223 -10.06 22.86 0.78
N GLY B 224 -8.75 22.82 0.53
CA GLY B 224 -7.97 24.04 0.37
C GLY B 224 -7.59 24.69 1.68
N GLY B 225 -7.82 23.98 2.79
CA GLY B 225 -7.61 24.55 4.11
C GLY B 225 -6.15 24.80 4.40
N THR B 226 -5.88 25.45 5.53
CA THR B 226 -4.50 25.77 5.89
C THR B 226 -3.86 24.75 6.82
N GLU B 227 -2.53 24.84 6.94
CA GLU B 227 -1.74 24.03 7.87
C GLU B 227 -2.30 24.06 9.28
N GLU B 228 -2.77 25.24 9.64
CA GLU B 228 -3.18 25.47 10.99
C GLU B 228 -4.58 24.82 11.19
N GLU B 229 -5.40 24.81 10.14
CA GLU B 229 -6.63 24.02 10.15
C GLU B 229 -6.36 22.49 10.18
N ILE B 230 -5.32 22.07 9.46
CA ILE B 230 -4.86 20.69 9.51
C ILE B 230 -4.55 20.23 10.94
N GLU B 231 -3.76 21.02 11.65
CA GLU B 231 -3.38 20.62 13.00
C GLU B 231 -4.59 20.56 13.95
N LYS B 232 -5.45 21.58 13.87
CA LYS B 232 -6.70 21.60 14.65
C LYS B 232 -7.57 20.38 14.37
N LEU B 233 -7.70 20.01 13.10
CA LEU B 233 -8.64 18.96 12.82
C LEU B 233 -8.04 17.59 13.07
N ARG B 234 -6.72 17.47 12.93
CA ARG B 234 -6.01 16.25 13.32
C ARG B 234 -6.29 16.01 14.79
N LYS B 235 -6.17 17.09 15.56
CA LYS B 235 -6.44 17.04 16.99
C LYS B 235 -7.88 16.64 17.27
N TYR B 236 -8.81 17.25 16.56
CA TYR B 236 -10.22 16.92 16.70
C TYR B 236 -10.46 15.41 16.47
N ALA B 237 -9.92 14.90 15.38
CA ALA B 237 -10.13 13.50 14.99
C ALA B 237 -9.57 12.61 16.06
N ARG B 238 -8.43 13.01 16.61
CA ARG B 238 -7.79 12.21 17.62
C ARG B 238 -8.66 12.13 18.88
N CYS B 239 -9.15 13.29 19.30
CA CYS B 239 -10.00 13.36 20.51
C CYS B 239 -11.21 12.50 20.32
N ILE B 240 -11.76 12.55 19.10
CA ILE B 240 -12.96 11.82 18.76
C ILE B 240 -12.72 10.31 18.81
N GLY B 241 -11.63 9.83 18.22
CA GLY B 241 -11.30 8.41 18.25
C GLY B 241 -11.11 7.88 19.66
N LEU B 242 -10.28 8.61 20.42
CA LEU B 242 -10.08 8.29 21.82
C LEU B 242 -11.41 8.28 22.57
N LEU B 243 -12.22 9.33 22.36
CA LEU B 243 -13.53 9.46 23.02
C LEU B 243 -14.37 8.23 22.77
N PHE B 244 -14.42 7.83 21.51
CA PHE B 244 -15.12 6.59 21.14
C PHE B 244 -14.68 5.42 22.00
N GLN B 245 -13.38 5.19 22.11
CA GLN B 245 -12.93 4.01 22.87
C GLN B 245 -13.20 4.13 24.39
N VAL B 246 -13.03 5.33 24.94
CA VAL B 246 -13.25 5.52 26.37
C VAL B 246 -14.72 5.36 26.72
N VAL B 247 -15.58 5.97 25.92
CA VAL B 247 -17.03 5.85 26.11
C VAL B 247 -17.47 4.39 25.92
N ASP B 248 -16.90 3.69 24.94
CA ASP B 248 -17.21 2.26 24.77
C ASP B 248 -16.85 1.45 26.02
N ASP B 249 -15.69 1.74 26.61
CA ASP B 249 -15.31 1.08 27.85
C ASP B 249 -16.26 1.43 28.99
N ILE B 250 -16.70 2.69 29.06
CA ILE B 250 -17.59 3.10 30.15
C ILE B 250 -18.95 2.40 30.01
N LEU B 251 -19.46 2.35 28.78
CA LEU B 251 -20.74 1.69 28.49
C LEU B 251 -20.75 0.24 28.94
N ASP B 252 -19.58 -0.38 28.90
CA ASP B 252 -19.47 -1.80 29.22
C ASP B 252 -19.45 -2.13 30.72
N VAL B 253 -19.89 -1.18 31.55
CA VAL B 253 -20.08 -1.44 32.98
C VAL B 253 -21.29 -0.68 33.51
N LEU B 273 -8.29 -5.29 29.81
CA LEU B 273 -7.52 -4.08 29.49
C LEU B 273 -8.43 -2.95 28.98
N THR B 274 -8.99 -2.19 29.92
CA THR B 274 -9.93 -1.11 29.60
C THR B 274 -9.59 0.13 30.40
N TYR B 275 -10.23 1.25 30.06
CA TYR B 275 -10.03 2.47 30.83
C TYR B 275 -10.53 2.34 32.30
N PRO B 276 -11.78 1.88 32.52
CA PRO B 276 -12.25 1.82 33.92
C PRO B 276 -11.44 0.90 34.86
N ARG B 277 -10.71 -0.07 34.32
CA ARG B 277 -9.95 -0.98 35.18
C ARG B 277 -8.54 -0.44 35.44
N LEU B 278 -8.04 0.36 34.51
CA LEU B 278 -6.70 0.93 34.64
C LEU B 278 -6.70 2.24 35.44
N ILE B 279 -7.74 3.05 35.28
CA ILE B 279 -7.71 4.39 35.86
C ILE B 279 -8.95 4.67 36.69
N GLY B 280 -9.85 3.69 36.76
CA GLY B 280 -11.09 3.85 37.47
C GLY B 280 -12.23 4.38 36.62
N LEU B 281 -13.45 4.10 37.05
CA LEU B 281 -14.65 4.58 36.37
C LEU B 281 -14.79 6.11 36.38
N GLU B 282 -14.50 6.72 37.53
CA GLU B 282 -14.68 8.15 37.72
C GLU B 282 -13.72 8.93 36.81
N ARG B 283 -12.44 8.56 36.85
CA ARG B 283 -11.46 9.25 36.03
C ARG B 283 -11.70 8.93 34.54
N SER B 284 -12.35 7.79 34.25
CA SER B 284 -12.69 7.48 32.87
C SER B 284 -13.75 8.46 32.36
N LYS B 285 -14.77 8.73 33.17
CA LYS B 285 -15.78 9.69 32.77
C LYS B 285 -15.21 11.11 32.66
N GLU B 286 -14.24 11.42 33.51
CA GLU B 286 -13.56 12.72 33.40
C GLU B 286 -12.76 12.85 32.09
N VAL B 287 -12.01 11.80 31.76
CA VAL B 287 -11.26 11.74 30.51
C VAL B 287 -12.20 11.88 29.30
N ALA B 288 -13.33 11.17 29.33
CA ALA B 288 -14.33 11.27 28.27
C ALA B 288 -14.80 12.71 28.09
N GLU B 289 -15.21 13.35 29.19
CA GLU B 289 -15.70 14.72 29.08
C GLU B 289 -14.65 15.73 28.56
N LYS B 290 -13.39 15.62 29.00
CA LYS B 290 -12.35 16.57 28.53
C LYS B 290 -11.97 16.26 27.08
N LEU B 291 -12.10 15.01 26.65
CA LEU B 291 -11.88 14.67 25.24
C LEU B 291 -12.96 15.32 24.38
N ARG B 292 -14.22 15.10 24.77
CA ARG B 292 -15.34 15.70 24.04
C ARG B 292 -15.16 17.20 23.85
N ARG B 293 -14.82 17.88 24.96
CA ARG B 293 -14.69 19.34 24.97
C ARG B 293 -13.44 19.72 24.21
N GLU B 294 -12.39 18.90 24.25
CA GLU B 294 -11.18 19.24 23.49
C GLU B 294 -11.51 19.27 21.98
N ALA B 295 -12.30 18.27 21.58
CA ALA B 295 -12.81 18.18 20.22
C ALA B 295 -13.58 19.44 19.84
N GLU B 296 -14.49 19.86 20.73
CA GLU B 296 -15.27 21.06 20.42
C GLU B 296 -14.40 22.33 20.34
N GLU B 297 -13.37 22.42 21.18
CA GLU B 297 -12.52 23.60 21.09
C GLU B 297 -11.71 23.64 19.80
N GLN B 298 -11.47 22.49 19.17
CA GLN B 298 -10.82 22.59 17.86
C GLN B 298 -11.74 23.27 16.83
N LEU B 299 -13.04 23.25 17.07
CA LEU B 299 -13.99 23.84 16.11
C LEU B 299 -14.19 25.34 16.26
N LEU B 300 -13.37 25.98 17.08
CA LEU B 300 -13.40 27.45 17.21
C LEU B 300 -12.83 28.17 16.01
N GLY B 301 -13.52 29.21 15.56
CA GLY B 301 -13.03 30.01 14.46
C GLY B 301 -13.67 29.66 13.13
N PHE B 302 -14.55 28.68 13.15
CA PHE B 302 -15.31 28.36 11.94
C PHE B 302 -16.73 28.85 12.14
N ASP B 303 -17.40 29.19 11.04
CA ASP B 303 -18.83 29.51 11.08
C ASP B 303 -19.59 28.37 11.76
N PRO B 304 -20.44 28.71 12.74
CA PRO B 304 -21.26 27.76 13.51
C PRO B 304 -21.97 26.74 12.62
N SER B 305 -22.55 27.22 11.53
CA SER B 305 -23.31 26.38 10.62
C SER B 305 -22.44 25.32 9.96
N LYS B 306 -21.24 25.71 9.53
CA LYS B 306 -20.31 24.77 8.92
C LYS B 306 -19.73 23.82 9.95
N ALA B 307 -19.61 24.29 11.19
CA ALA B 307 -19.05 23.50 12.28
C ALA B 307 -20.04 22.46 12.79
N ALA B 308 -21.34 22.72 12.57
CA ALA B 308 -22.43 21.97 13.21
C ALA B 308 -22.34 20.44 13.07
N PRO B 309 -22.02 19.91 11.88
CA PRO B 309 -21.95 18.44 11.89
C PRO B 309 -20.79 17.86 12.73
N LEU B 310 -19.69 18.58 12.90
CA LEU B 310 -18.58 18.07 13.70
C LEU B 310 -18.85 18.19 15.20
N VAL B 311 -19.51 19.29 15.60
CA VAL B 311 -20.00 19.37 16.97
C VAL B 311 -20.95 18.20 17.20
N ALA B 312 -21.88 18.00 16.27
CA ALA B 312 -22.88 16.95 16.42
C ALA B 312 -22.24 15.55 16.44
N LEU B 313 -21.19 15.34 15.68
CA LEU B 313 -20.51 14.05 15.68
C LEU B 313 -19.81 13.80 17.01
N ALA B 314 -19.21 14.85 17.58
CA ALA B 314 -18.56 14.71 18.88
C ALA B 314 -19.59 14.33 19.93
N SER B 315 -20.71 15.03 19.87
CA SER B 315 -21.86 14.78 20.73
C SER B 315 -22.40 13.35 20.57
N TYR B 316 -22.54 12.92 19.32
CA TYR B 316 -23.06 11.61 18.99
C TYR B 316 -22.15 10.49 19.51
N ILE B 317 -20.86 10.73 19.53
CA ILE B 317 -19.96 9.75 20.09
C ILE B 317 -19.99 9.79 21.62
N ALA B 318 -20.17 10.99 22.18
CA ALA B 318 -20.18 11.15 23.63
C ALA B 318 -21.40 10.52 24.30
N CYS B 319 -22.55 10.65 23.66
CA CYS B 319 -23.82 10.38 24.33
C CYS B 319 -24.44 9.04 23.94
N ARG B 320 -23.61 8.11 23.46
CA ARG B 320 -24.09 6.79 23.07
C ARG B 320 -24.42 5.94 24.30
#